data_7OBI
#
_entry.id   7OBI
#
_cell.length_a   58.912
_cell.length_b   58.912
_cell.length_c   189.517
_cell.angle_alpha   90.000
_cell.angle_beta   90.000
_cell.angle_gamma   120.000
#
_symmetry.space_group_name_H-M   'P 31 2 1'
#
loop_
_entity.id
_entity.type
_entity.pdbx_description
1 polymer CTPR-rv4
2 non-polymer 'PHOSPHATE ION'
#
_entity_poly.entity_id   1
_entity_poly.type   'polypeptide(L)'
_entity_poly.pdbx_seq_one_letter_code
;GSAEALNNLGNVYRKQGDYQKAIEYYQKALELDPNNAEALNNLGNVYRKQGDYQKAIEYYQKALELDPNNAEALNNLGNV
YRKQGDYQKAIEYYQKALELDPNNAEALNNLGNVYRKQGDYQKAIEYYQKALELDPNNAEALNNLGNVQRKQG
;
_entity_poly.pdbx_strand_id   A,B
#
loop_
_chem_comp.id
_chem_comp.type
_chem_comp.name
_chem_comp.formula
PO4 non-polymer 'PHOSPHATE ION' 'O4 P -3'
#
# COMPACT_ATOMS: atom_id res chain seq x y z
N ALA A 3 6.37 21.07 15.13
CA ALA A 3 5.86 19.79 14.61
C ALA A 3 4.49 19.91 13.97
N GLU A 4 3.77 21.03 14.20
CA GLU A 4 2.47 21.25 13.58
C GLU A 4 2.62 21.52 12.09
N ALA A 5 3.70 22.22 11.70
CA ALA A 5 3.97 22.47 10.29
C ALA A 5 4.33 21.14 9.59
N LEU A 6 5.20 20.30 10.21
CA LEU A 6 5.57 19.00 9.65
C LEU A 6 4.34 18.10 9.45
N ASN A 7 3.43 18.11 10.45
CA ASN A 7 2.19 17.36 10.47
C ASN A 7 1.35 17.76 9.24
N ASN A 8 1.23 19.09 9.02
CA ASN A 8 0.46 19.68 7.95
C ASN A 8 1.00 19.29 6.61
N LEU A 9 2.34 19.28 6.45
CA LEU A 9 2.99 18.87 5.22
C LEU A 9 2.61 17.43 4.90
N GLY A 10 2.77 16.55 5.89
CA GLY A 10 2.42 15.14 5.77
C GLY A 10 0.97 14.95 5.40
N ASN A 11 0.08 15.74 5.98
CA ASN A 11 -1.34 15.68 5.68
C ASN A 11 -1.63 15.94 4.21
N VAL A 12 -0.98 16.93 3.62
CA VAL A 12 -1.16 17.28 2.22
C VAL A 12 -0.69 16.18 1.28
N TYR A 13 0.53 15.67 1.49
CA TYR A 13 1.03 14.57 0.66
C TYR A 13 0.16 13.33 0.87
N ARG A 14 -0.29 13.08 2.10
CA ARG A 14 -1.17 11.95 2.38
C ARG A 14 -2.49 12.08 1.65
N LYS A 15 -3.05 13.30 1.62
CA LYS A 15 -4.30 13.58 0.94
C LYS A 15 -4.13 13.34 -0.56
N GLN A 16 -3.00 13.75 -1.14
CA GLN A 16 -2.77 13.51 -2.57
C GLN A 16 -2.14 12.14 -2.89
N GLY A 17 -2.21 11.21 -1.97
CA GLY A 17 -1.70 9.86 -2.20
C GLY A 17 -0.22 9.61 -2.17
N ASP A 18 0.62 10.64 -1.96
CA ASP A 18 2.07 10.47 -1.87
C ASP A 18 2.40 9.93 -0.46
N TYR A 19 2.14 8.65 -0.24
CA TYR A 19 2.32 8.00 1.05
C TYR A 19 3.73 8.01 1.59
N GLN A 20 4.76 7.81 0.72
CA GLN A 20 6.12 7.77 1.22
C GLN A 20 6.60 9.16 1.67
N LYS A 21 6.15 10.22 0.99
CA LYS A 21 6.51 11.58 1.41
C LYS A 21 5.80 11.92 2.73
N ALA A 22 4.56 11.45 2.89
CA ALA A 22 3.78 11.68 4.09
C ALA A 22 4.43 10.98 5.27
N ILE A 23 4.93 9.75 5.08
CA ILE A 23 5.60 9.03 6.17
C ILE A 23 6.83 9.80 6.68
N GLU A 24 7.60 10.42 5.74
CA GLU A 24 8.76 11.25 6.04
C GLU A 24 8.38 12.33 7.03
N TYR A 25 7.38 13.15 6.68
CA TYR A 25 6.98 14.32 7.45
C TYR A 25 6.36 13.98 8.78
N TYR A 26 5.62 12.87 8.85
CA TYR A 26 5.04 12.43 10.12
C TYR A 26 6.14 11.93 11.04
N GLN A 27 7.13 11.23 10.48
CA GLN A 27 8.24 10.74 11.27
C GLN A 27 9.09 11.89 11.83
N LYS A 28 9.22 12.98 11.05
CA LYS A 28 9.92 14.19 11.46
C LYS A 28 9.15 14.90 12.60
N ALA A 29 7.81 14.82 12.59
CA ALA A 29 7.02 15.40 13.67
C ALA A 29 7.26 14.59 14.97
N LEU A 30 7.31 13.24 14.84
CA LEU A 30 7.58 12.36 15.96
C LEU A 30 8.98 12.54 16.56
N GLU A 31 9.95 13.00 15.76
CA GLU A 31 11.27 13.25 16.31
C GLU A 31 11.24 14.50 17.23
N LEU A 32 10.34 15.46 16.95
CA LEU A 32 10.21 16.64 17.80
C LEU A 32 9.35 16.32 19.00
N ASP A 33 8.20 15.68 18.81
CA ASP A 33 7.36 15.27 19.91
C ASP A 33 7.06 13.78 19.76
N PRO A 34 7.86 12.91 20.40
CA PRO A 34 7.63 11.46 20.28
C PRO A 34 6.32 10.94 20.85
N ASN A 35 5.56 11.80 21.53
CA ASN A 35 4.27 11.45 22.10
C ASN A 35 3.13 12.30 21.47
N ASN A 36 3.27 12.59 20.16
CA ASN A 36 2.34 13.38 19.34
C ASN A 36 1.25 12.45 18.89
N ALA A 37 0.04 12.66 19.37
CA ALA A 37 -1.07 11.79 19.03
C ALA A 37 -1.43 11.88 17.56
N GLU A 38 -1.52 13.10 17.03
CA GLU A 38 -1.91 13.30 15.65
C GLU A 38 -0.89 12.68 14.71
N ALA A 39 0.42 12.88 14.99
CA ALA A 39 1.45 12.28 14.16
C ALA A 39 1.42 10.75 14.19
N LEU A 40 1.23 10.15 15.38
CA LEU A 40 1.19 8.69 15.57
C LEU A 40 -0.01 8.06 14.85
N ASN A 41 -1.17 8.73 14.94
CA ASN A 41 -2.39 8.25 14.32
C ASN A 41 -2.32 8.38 12.83
N ASN A 42 -1.83 9.52 12.35
CA ASN A 42 -1.65 9.77 10.93
C ASN A 42 -0.67 8.76 10.33
N LEU A 43 0.37 8.36 11.09
CA LEU A 43 1.32 7.36 10.62
C LEU A 43 0.64 6.01 10.44
N GLY A 44 -0.11 5.57 11.43
CA GLY A 44 -0.86 4.32 11.33
C GLY A 44 -1.84 4.32 10.17
N ASN A 45 -2.34 5.52 9.82
CA ASN A 45 -3.28 5.76 8.75
C ASN A 45 -2.61 5.50 7.43
N VAL A 46 -1.40 6.08 7.23
CA VAL A 46 -0.63 5.89 6.02
C VAL A 46 -0.17 4.45 5.86
N TYR A 47 0.31 3.82 6.95
CA TYR A 47 0.74 2.43 6.90
C TYR A 47 -0.42 1.50 6.55
N ARG A 48 -1.64 1.81 7.04
CA ARG A 48 -2.81 1.01 6.74
C ARG A 48 -3.15 1.16 5.26
N LYS A 49 -3.18 2.44 4.77
CA LYS A 49 -3.46 2.74 3.38
C LYS A 49 -2.42 2.09 2.45
N GLN A 50 -1.16 2.00 2.89
CA GLN A 50 -0.08 1.34 2.13
C GLN A 50 -0.21 -0.17 2.12
N GLY A 51 -0.84 -0.73 3.12
CA GLY A 51 -0.94 -2.16 3.25
C GLY A 51 0.14 -2.77 4.13
N ASP A 52 0.85 -1.93 4.91
CA ASP A 52 1.87 -2.36 5.85
C ASP A 52 1.13 -2.52 7.16
N TYR A 53 0.48 -3.67 7.33
CA TYR A 53 -0.39 -3.90 8.47
C TYR A 53 0.35 -4.08 9.77
N GLN A 54 1.58 -4.62 9.74
CA GLN A 54 2.36 -4.74 10.97
C GLN A 54 2.79 -3.36 11.48
N LYS A 55 3.23 -2.45 10.58
CA LYS A 55 3.60 -1.09 10.96
C LYS A 55 2.37 -0.27 11.36
N ALA A 56 1.20 -0.54 10.77
CA ALA A 56 -0.02 0.18 11.11
C ALA A 56 -0.40 -0.15 12.53
N ILE A 57 -0.35 -1.44 12.92
CA ILE A 57 -0.61 -1.94 14.27
C ILE A 57 0.36 -1.27 15.22
N GLU A 58 1.67 -1.28 14.90
CA GLU A 58 2.72 -0.64 15.71
C GLU A 58 2.33 0.80 16.15
N TYR A 59 2.06 1.68 15.19
CA TYR A 59 1.73 3.07 15.50
C TYR A 59 0.30 3.27 16.04
N TYR A 60 -0.62 2.31 15.78
CA TYR A 60 -1.98 2.39 16.31
C TYR A 60 -1.97 1.98 17.77
N GLN A 61 -1.17 0.97 18.13
CA GLN A 61 -1.02 0.52 19.50
C GLN A 61 -0.25 1.60 20.32
N LYS A 62 0.73 2.29 19.68
CA LYS A 62 1.48 3.40 20.27
C LYS A 62 0.54 4.58 20.59
N ALA A 63 -0.47 4.81 19.73
CA ALA A 63 -1.45 5.87 19.88
C ALA A 63 -2.41 5.55 21.01
N LEU A 64 -2.87 4.27 21.11
CA LEU A 64 -3.76 3.82 22.18
C LEU A 64 -3.08 3.83 23.55
N GLU A 65 -1.73 3.81 23.59
CA GLU A 65 -1.00 3.91 24.84
C GLU A 65 -1.22 5.31 25.41
N LEU A 66 -1.12 6.34 24.56
CA LEU A 66 -1.27 7.72 25.00
C LEU A 66 -2.73 8.13 25.19
N ASP A 67 -3.66 7.48 24.48
CA ASP A 67 -5.07 7.80 24.59
C ASP A 67 -5.87 6.53 24.34
N PRO A 68 -6.35 5.87 25.41
CA PRO A 68 -7.13 4.63 25.20
C PRO A 68 -8.61 4.87 24.90
N ASN A 69 -8.97 6.08 24.46
CA ASN A 69 -10.34 6.48 24.12
C ASN A 69 -10.43 7.09 22.72
N ASN A 70 -9.55 6.66 21.82
CA ASN A 70 -9.58 7.15 20.45
C ASN A 70 -10.39 6.15 19.68
N ALA A 71 -11.71 6.38 19.56
CA ALA A 71 -12.60 5.49 18.82
C ALA A 71 -12.18 5.32 17.37
N GLU A 72 -11.59 6.39 16.78
CA GLU A 72 -11.09 6.46 15.42
C GLU A 72 -9.91 5.49 15.24
N ALA A 73 -9.00 5.43 16.24
CA ALA A 73 -7.84 4.54 16.24
C ALA A 73 -8.27 3.12 16.60
N LEU A 74 -9.17 2.98 17.57
CA LEU A 74 -9.72 1.67 17.95
C LEU A 74 -10.40 1.00 16.75
N ASN A 75 -11.08 1.81 15.94
CA ASN A 75 -11.75 1.35 14.74
C ASN A 75 -10.75 1.00 13.67
N ASN A 76 -9.73 1.83 13.47
CA ASN A 76 -8.74 1.56 12.45
C ASN A 76 -7.86 0.38 12.82
N LEU A 77 -7.66 0.11 14.12
CA LEU A 77 -6.93 -1.08 14.56
C LEU A 77 -7.76 -2.32 14.22
N GLY A 78 -9.07 -2.27 14.42
CA GLY A 78 -9.96 -3.35 14.05
C GLY A 78 -9.96 -3.56 12.54
N ASN A 79 -9.92 -2.46 11.78
CA ASN A 79 -9.88 -2.55 10.33
C ASN A 79 -8.59 -3.22 9.86
N VAL A 80 -7.45 -2.86 10.46
CA VAL A 80 -6.17 -3.46 10.09
C VAL A 80 -6.17 -4.95 10.40
N TYR A 81 -6.79 -5.34 11.53
CA TYR A 81 -6.88 -6.76 11.87
C TYR A 81 -7.83 -7.47 10.90
N ARG A 82 -8.92 -6.83 10.48
CA ARG A 82 -9.85 -7.43 9.51
C ARG A 82 -9.12 -7.64 8.18
N LYS A 83 -8.37 -6.61 7.73
CA LYS A 83 -7.65 -6.71 6.47
C LYS A 83 -6.57 -7.82 6.51
N GLN A 84 -6.04 -8.17 7.70
CA GLN A 84 -5.11 -9.30 7.78
C GLN A 84 -5.83 -10.64 8.19
N GLY A 85 -7.17 -10.66 8.13
CA GLY A 85 -7.99 -11.85 8.31
C GLY A 85 -8.21 -12.28 9.74
N ASP A 86 -7.59 -11.57 10.72
CA ASP A 86 -7.73 -11.89 12.13
C ASP A 86 -9.06 -11.31 12.61
N TYR A 87 -10.15 -12.02 12.30
CA TYR A 87 -11.48 -11.54 12.62
C TYR A 87 -11.73 -11.51 14.11
N GLN A 88 -11.15 -12.43 14.87
CA GLN A 88 -11.31 -12.46 16.33
C GLN A 88 -10.76 -11.18 16.96
N LYS A 89 -9.57 -10.74 16.52
CA LYS A 89 -8.97 -9.50 17.02
C LYS A 89 -9.69 -8.28 16.52
N ALA A 90 -10.16 -8.32 15.26
CA ALA A 90 -10.90 -7.22 14.65
C ALA A 90 -12.19 -6.97 15.42
N ILE A 91 -12.91 -8.04 15.80
CA ILE A 91 -14.17 -7.94 16.56
C ILE A 91 -13.90 -7.36 17.93
N GLU A 92 -12.85 -7.87 18.60
CA GLU A 92 -12.42 -7.41 19.91
C GLU A 92 -12.17 -5.90 19.91
N TYR A 93 -11.57 -5.38 18.84
CA TYR A 93 -11.29 -3.97 18.73
C TYR A 93 -12.54 -3.19 18.34
N TYR A 94 -13.43 -3.71 17.47
CA TYR A 94 -14.68 -3.00 17.18
C TYR A 94 -15.55 -2.91 18.44
N GLN A 95 -15.53 -3.97 19.28
CA GLN A 95 -16.27 -4.06 20.54
C GLN A 95 -15.69 -3.10 21.59
N LYS A 96 -14.36 -2.88 21.56
CA LYS A 96 -13.70 -1.91 22.44
C LYS A 96 -14.19 -0.51 22.08
N ALA A 97 -14.30 -0.21 20.77
CA ALA A 97 -14.79 1.05 20.27
C ALA A 97 -16.29 1.27 20.57
N LEU A 98 -17.07 0.20 20.70
CA LEU A 98 -18.49 0.27 21.05
C LEU A 98 -18.72 0.34 22.55
N GLU A 99 -17.78 -0.17 23.34
CA GLU A 99 -17.78 -0.10 24.80
C GLU A 99 -17.61 1.39 25.16
N LEU A 100 -16.68 2.08 24.46
CA LEU A 100 -16.38 3.50 24.62
C LEU A 100 -17.56 4.32 24.10
N ASP A 101 -18.04 4.02 22.88
CA ASP A 101 -19.13 4.76 22.29
C ASP A 101 -20.11 3.81 21.60
N PRO A 102 -21.20 3.45 22.31
CA PRO A 102 -22.21 2.56 21.71
C PRO A 102 -22.95 3.14 20.50
N ASN A 103 -22.80 4.44 20.22
CA ASN A 103 -23.43 5.05 19.07
C ASN A 103 -22.46 5.29 17.90
N ASN A 104 -21.40 4.48 17.82
CA ASN A 104 -20.41 4.58 16.76
C ASN A 104 -20.95 3.85 15.53
N ALA A 105 -21.44 4.61 14.54
CA ALA A 105 -22.00 4.03 13.33
C ALA A 105 -20.96 3.26 12.52
N GLU A 106 -19.68 3.73 12.47
CA GLU A 106 -18.66 2.98 11.72
C GLU A 106 -18.29 1.68 12.45
N ALA A 107 -18.31 1.66 13.80
CA ALA A 107 -17.98 0.44 14.54
C ALA A 107 -19.08 -0.60 14.40
N LEU A 108 -20.35 -0.17 14.46
CA LEU A 108 -21.51 -1.04 14.28
C LEU A 108 -21.54 -1.59 12.83
N ASN A 109 -21.25 -0.71 11.83
CA ASN A 109 -21.23 -1.11 10.44
C ASN A 109 -20.09 -2.08 10.16
N ASN A 110 -18.93 -1.83 10.76
CA ASN A 110 -17.76 -2.68 10.60
C ASN A 110 -17.93 -4.02 11.31
N LEU A 111 -18.66 -4.03 12.44
CA LEU A 111 -18.94 -5.28 13.16
C LEU A 111 -19.92 -6.15 12.40
N GLY A 112 -20.87 -5.54 11.70
CA GLY A 112 -21.78 -6.30 10.85
C GLY A 112 -21.01 -6.86 9.67
N ASN A 113 -20.06 -6.11 9.15
CA ASN A 113 -19.22 -6.52 8.03
C ASN A 113 -18.40 -7.73 8.36
N VAL A 114 -17.76 -7.75 9.53
CA VAL A 114 -16.95 -8.91 9.91
C VAL A 114 -17.83 -10.13 10.11
N TYR A 115 -18.99 -10.00 10.79
CA TYR A 115 -19.92 -11.13 10.99
C TYR A 115 -20.45 -11.66 9.67
N ARG A 116 -20.69 -10.79 8.67
CA ARG A 116 -21.15 -11.22 7.35
C ARG A 116 -20.05 -12.09 6.70
N LYS A 117 -18.78 -11.58 6.71
CA LYS A 117 -17.59 -12.28 6.22
C LYS A 117 -17.47 -13.66 6.93
N GLN A 118 -17.69 -13.70 8.25
CA GLN A 118 -17.66 -14.92 9.07
C GLN A 118 -18.76 -15.92 8.69
N GLY A 119 -19.94 -15.40 8.36
CA GLY A 119 -21.10 -16.21 8.07
C GLY A 119 -22.17 -16.11 9.14
N ASP A 120 -21.93 -15.35 10.23
CA ASP A 120 -22.93 -15.16 11.28
C ASP A 120 -23.86 -14.04 10.82
N TYR A 121 -24.77 -14.35 9.90
CA TYR A 121 -25.71 -13.39 9.33
C TYR A 121 -26.72 -12.88 10.34
N GLN A 122 -27.07 -13.71 11.35
CA GLN A 122 -28.02 -13.27 12.37
C GLN A 122 -27.42 -12.13 13.17
N LYS A 123 -26.10 -12.22 13.49
CA LYS A 123 -25.41 -11.16 14.21
C LYS A 123 -25.21 -9.96 13.29
N ALA A 124 -24.83 -10.22 12.02
CA ALA A 124 -24.64 -9.16 11.02
C ALA A 124 -25.88 -8.27 10.88
N ILE A 125 -27.08 -8.86 10.78
CA ILE A 125 -28.31 -8.08 10.69
C ILE A 125 -28.53 -7.25 11.95
N GLU A 126 -28.25 -7.83 13.11
CA GLU A 126 -28.38 -7.14 14.39
C GLU A 126 -27.47 -5.88 14.44
N TYR A 127 -26.19 -6.01 14.02
CA TYR A 127 -25.27 -4.89 14.04
C TYR A 127 -25.55 -3.88 12.97
N TYR A 128 -26.07 -4.30 11.81
CA TYR A 128 -26.39 -3.37 10.74
C TYR A 128 -27.63 -2.57 11.09
N GLN A 129 -28.62 -3.20 11.78
CA GLN A 129 -29.85 -2.53 12.20
C GLN A 129 -29.50 -1.42 13.15
N LYS A 130 -28.63 -1.72 14.15
CA LYS A 130 -28.18 -0.76 15.15
C LYS A 130 -27.57 0.48 14.47
N ALA A 131 -26.84 0.28 13.37
CA ALA A 131 -26.24 1.35 12.61
C ALA A 131 -27.29 2.23 11.94
N LEU A 132 -28.30 1.67 11.25
CA LEU A 132 -29.29 2.52 10.61
C LEU A 132 -30.21 3.20 11.65
N GLU A 133 -30.38 2.58 12.86
CA GLU A 133 -31.20 3.16 13.92
C GLU A 133 -30.69 4.52 14.41
N LEU A 134 -29.53 4.98 13.90
CA LEU A 134 -28.92 6.25 14.25
C LEU A 134 -29.27 7.36 13.23
N ASP A 135 -28.80 7.27 11.95
CA ASP A 135 -29.12 8.34 11.00
C ASP A 135 -29.67 7.88 9.64
N PRO A 136 -30.80 8.49 9.20
CA PRO A 136 -31.36 8.13 7.89
C PRO A 136 -30.78 8.98 6.76
N GLY B 1 -7.78 6.44 -27.91
CA GLY B 1 -8.18 7.81 -27.67
C GLY B 1 -9.15 7.98 -26.52
N SER B 2 -10.05 6.98 -26.33
CA SER B 2 -11.07 6.98 -25.25
C SER B 2 -10.40 6.87 -23.86
N ALA B 3 -9.62 5.79 -23.69
CA ALA B 3 -8.84 5.50 -22.50
C ALA B 3 -7.40 6.07 -22.60
N GLU B 4 -6.96 6.51 -23.79
CA GLU B 4 -5.63 7.13 -23.95
C GLU B 4 -5.64 8.53 -23.31
N ALA B 5 -6.78 9.24 -23.36
CA ALA B 5 -6.92 10.54 -22.73
C ALA B 5 -6.87 10.37 -21.20
N LEU B 6 -7.62 9.37 -20.65
CA LEU B 6 -7.63 9.06 -19.22
C LEU B 6 -6.21 8.74 -18.73
N ASN B 7 -5.43 8.00 -19.52
CA ASN B 7 -4.05 7.64 -19.19
C ASN B 7 -3.16 8.86 -19.12
N ASN B 8 -3.36 9.77 -20.06
CA ASN B 8 -2.61 11.01 -20.14
C ASN B 8 -2.89 11.89 -18.94
N LEU B 9 -4.17 11.95 -18.50
CA LEU B 9 -4.57 12.71 -17.32
C LEU B 9 -3.83 12.16 -16.10
N GLY B 10 -3.91 10.84 -15.92
CA GLY B 10 -3.23 10.14 -14.85
C GLY B 10 -1.74 10.39 -14.85
N ASN B 11 -1.13 10.42 -16.04
CA ASN B 11 0.30 10.69 -16.17
C ASN B 11 0.68 12.06 -15.62
N VAL B 12 -0.14 13.09 -15.90
CA VAL B 12 0.11 14.45 -15.42
C VAL B 12 0.01 14.56 -13.91
N TYR B 13 -1.08 14.03 -13.31
CA TYR B 13 -1.21 14.03 -11.85
C TYR B 13 -0.10 13.20 -11.23
N ARG B 14 0.27 12.08 -11.86
CA ARG B 14 1.36 11.24 -11.38
C ARG B 14 2.68 12.00 -11.39
N LYS B 15 2.91 12.79 -12.46
CA LYS B 15 4.12 13.58 -12.60
C LYS B 15 4.16 14.63 -11.50
N GLN B 16 3.03 15.29 -11.20
CA GLN B 16 3.00 16.29 -10.11
C GLN B 16 2.72 15.73 -8.70
N GLY B 17 3.00 14.42 -8.52
CA GLY B 17 2.90 13.71 -7.24
C GLY B 17 1.52 13.44 -6.67
N ASP B 18 0.44 13.85 -7.37
CA ASP B 18 -0.93 13.57 -6.90
C ASP B 18 -1.24 12.09 -7.23
N TYR B 19 -0.68 11.14 -6.47
CA TYR B 19 -0.83 9.72 -6.67
C TYR B 19 -2.25 9.22 -6.62
N GLN B 20 -3.08 9.73 -5.67
CA GLN B 20 -4.45 9.23 -5.59
C GLN B 20 -5.30 9.70 -6.79
N LYS B 21 -5.08 10.91 -7.32
CA LYS B 21 -5.82 11.36 -8.52
C LYS B 21 -5.37 10.54 -9.71
N ALA B 22 -4.08 10.19 -9.79
CA ALA B 22 -3.51 9.41 -10.86
C ALA B 22 -4.12 8.02 -10.83
N ILE B 23 -4.24 7.40 -9.65
CA ILE B 23 -4.85 6.07 -9.53
C ILE B 23 -6.28 6.06 -10.05
N GLU B 24 -7.06 7.13 -9.81
CA GLU B 24 -8.45 7.13 -10.30
C GLU B 24 -8.55 7.30 -11.83
N TYR B 25 -7.64 8.06 -12.47
CA TYR B 25 -7.66 8.15 -13.93
C TYR B 25 -7.17 6.88 -14.59
N TYR B 26 -6.19 6.19 -13.99
CA TYR B 26 -5.72 4.92 -14.54
C TYR B 26 -6.80 3.86 -14.36
N GLN B 27 -7.49 3.87 -13.20
CA GLN B 27 -8.56 2.93 -12.94
C GLN B 27 -9.75 3.16 -13.89
N LYS B 28 -10.02 4.42 -14.25
CA LYS B 28 -11.04 4.80 -15.23
C LYS B 28 -10.66 4.30 -16.62
N ALA B 29 -9.37 4.24 -16.95
CA ALA B 29 -8.92 3.73 -18.24
C ALA B 29 -9.18 2.21 -18.27
N LEU B 30 -8.89 1.53 -17.14
CA LEU B 30 -9.13 0.09 -17.01
C LEU B 30 -10.60 -0.29 -17.07
N GLU B 31 -11.51 0.64 -16.68
CA GLU B 31 -12.92 0.33 -16.81
C GLU B 31 -13.34 0.33 -18.30
N LEU B 32 -12.67 1.14 -19.16
CA LEU B 32 -12.97 1.13 -20.58
C LEU B 32 -12.31 -0.05 -21.25
N ASP B 33 -11.03 -0.27 -20.97
CA ASP B 33 -10.32 -1.39 -21.55
C ASP B 33 -9.62 -2.12 -20.41
N PRO B 34 -10.27 -3.16 -19.83
CA PRO B 34 -9.65 -3.91 -18.72
C PRO B 34 -8.35 -4.65 -19.05
N ASN B 35 -7.98 -4.67 -20.34
CA ASN B 35 -6.76 -5.30 -20.80
C ASN B 35 -5.81 -4.27 -21.46
N ASN B 36 -5.78 -3.05 -20.90
CA ASN B 36 -4.97 -1.89 -21.32
C ASN B 36 -3.61 -2.04 -20.70
N ALA B 37 -2.58 -2.25 -21.51
CA ALA B 37 -1.25 -2.46 -20.98
C ALA B 37 -0.69 -1.22 -20.32
N GLU B 38 -0.85 -0.05 -20.98
CA GLU B 38 -0.28 1.17 -20.44
C GLU B 38 -0.95 1.56 -19.13
N ALA B 39 -2.27 1.37 -18.97
CA ALA B 39 -2.94 1.70 -17.70
C ALA B 39 -2.56 0.73 -16.58
N LEU B 40 -2.40 -0.55 -16.93
CA LEU B 40 -2.02 -1.57 -15.96
C LEU B 40 -0.60 -1.34 -15.45
N ASN B 41 0.33 -0.98 -16.37
CA ASN B 41 1.72 -0.74 -16.02
C ASN B 41 1.86 0.53 -15.23
N ASN B 42 1.15 1.59 -15.66
CA ASN B 42 1.15 2.88 -14.96
C ASN B 42 0.60 2.71 -13.56
N LEU B 43 -0.41 1.84 -13.37
CA LEU B 43 -0.98 1.59 -12.05
C LEU B 43 0.03 0.94 -11.13
N GLY B 44 0.71 -0.11 -11.60
CA GLY B 44 1.75 -0.78 -10.84
C GLY B 44 2.88 0.16 -10.46
N ASN B 45 3.12 1.13 -11.32
CA ASN B 45 4.08 2.20 -11.10
C ASN B 45 3.65 3.10 -9.94
N VAL B 46 2.44 3.65 -9.96
CA VAL B 46 1.94 4.48 -8.86
C VAL B 46 1.92 3.71 -7.55
N TYR B 47 1.46 2.45 -7.57
CA TYR B 47 1.44 1.63 -6.36
C TYR B 47 2.83 1.39 -5.82
N ARG B 48 3.82 1.23 -6.70
CA ARG B 48 5.21 1.03 -6.29
C ARG B 48 5.74 2.34 -5.66
N LYS B 49 5.49 3.49 -6.32
CA LYS B 49 5.86 4.83 -5.84
C LYS B 49 5.18 5.13 -4.49
N GLN B 50 3.95 4.65 -4.27
CA GLN B 50 3.23 4.80 -3.01
C GLN B 50 3.79 3.88 -1.90
N GLY B 51 4.44 2.77 -2.28
CA GLY B 51 4.95 1.77 -1.34
C GLY B 51 3.94 0.66 -1.05
N ASP B 52 2.88 0.55 -1.89
CA ASP B 52 1.85 -0.49 -1.80
C ASP B 52 2.35 -1.61 -2.68
N TYR B 53 3.25 -2.42 -2.13
CA TYR B 53 3.92 -3.45 -2.90
C TYR B 53 3.01 -4.62 -3.28
N GLN B 54 2.02 -4.96 -2.45
CA GLN B 54 1.09 -6.01 -2.82
C GLN B 54 0.21 -5.58 -4.02
N LYS B 55 -0.27 -4.33 -4.04
CA LYS B 55 -1.06 -3.83 -5.17
C LYS B 55 -0.16 -3.64 -6.41
N ALA B 56 1.12 -3.30 -6.22
CA ALA B 56 2.04 -3.11 -7.37
C ALA B 56 2.24 -4.45 -8.06
N ILE B 57 2.48 -5.55 -7.27
CA ILE B 57 2.64 -6.92 -7.80
C ILE B 57 1.41 -7.32 -8.57
N GLU B 58 0.21 -7.11 -7.99
CA GLU B 58 -1.10 -7.38 -8.55
C GLU B 58 -1.22 -6.84 -9.98
N TYR B 59 -1.00 -5.53 -10.21
CA TYR B 59 -1.10 -4.92 -11.54
C TYR B 59 0.12 -5.20 -12.45
N TYR B 60 1.28 -5.54 -11.88
CA TYR B 60 2.45 -5.87 -12.68
C TYR B 60 2.31 -7.29 -13.24
N GLN B 61 1.74 -8.21 -12.44
CA GLN B 61 1.45 -9.57 -12.84
C GLN B 61 0.32 -9.56 -13.89
N LYS B 62 -0.67 -8.66 -13.73
CA LYS B 62 -1.77 -8.50 -14.67
C LYS B 62 -1.22 -8.03 -16.04
N ALA B 63 -0.16 -7.19 -16.04
CA ALA B 63 0.48 -6.67 -17.24
C ALA B 63 1.27 -7.76 -17.96
N LEU B 64 1.99 -8.59 -17.18
CA LEU B 64 2.75 -9.74 -17.72
C LEU B 64 1.86 -10.84 -18.30
N GLU B 65 0.59 -10.88 -17.87
CA GLU B 65 -0.36 -11.83 -18.43
C GLU B 65 -0.62 -11.47 -19.88
N LEU B 66 -0.80 -10.17 -20.16
CA LEU B 66 -1.08 -9.70 -21.51
C LEU B 66 0.18 -9.62 -22.39
N ASP B 67 1.34 -9.43 -21.79
CA ASP B 67 2.59 -9.35 -22.52
C ASP B 67 3.70 -9.90 -21.66
N PRO B 68 4.14 -11.15 -21.90
CA PRO B 68 5.21 -11.72 -21.08
C PRO B 68 6.63 -11.35 -21.54
N ASN B 69 6.76 -10.25 -22.32
CA ASN B 69 8.05 -9.75 -22.84
C ASN B 69 8.22 -8.25 -22.55
N ASN B 70 7.64 -7.76 -21.46
CA ASN B 70 7.77 -6.37 -21.07
C ASN B 70 8.93 -6.34 -20.11
N ALA B 71 10.15 -6.10 -20.62
CA ALA B 71 11.35 -6.04 -19.76
C ALA B 71 11.22 -4.98 -18.69
N GLU B 72 10.52 -3.87 -19.00
CA GLU B 72 10.25 -2.74 -18.12
C GLU B 72 9.38 -3.18 -16.93
N ALA B 73 8.36 -4.02 -17.18
CA ALA B 73 7.46 -4.55 -16.14
C ALA B 73 8.15 -5.68 -15.41
N LEU B 74 8.88 -6.57 -16.14
CA LEU B 74 9.66 -7.67 -15.55
C LEU B 74 10.66 -7.12 -14.54
N ASN B 75 11.28 -5.97 -14.88
CA ASN B 75 12.21 -5.27 -14.03
C ASN B 75 11.52 -4.64 -12.87
N ASN B 76 10.37 -4.01 -13.14
CA ASN B 76 9.54 -3.35 -12.15
C ASN B 76 9.07 -4.37 -11.11
N LEU B 77 8.72 -5.60 -11.55
CA LEU B 77 8.28 -6.69 -10.68
C LEU B 77 9.45 -7.20 -9.84
N GLY B 78 10.63 -7.30 -10.45
CA GLY B 78 11.86 -7.63 -9.75
C GLY B 78 12.18 -6.61 -8.66
N ASN B 79 11.95 -5.30 -8.94
CA ASN B 79 12.12 -4.17 -8.04
C ASN B 79 11.16 -4.24 -6.89
N VAL B 80 9.87 -4.47 -7.15
CA VAL B 80 8.90 -4.53 -6.08
C VAL B 80 9.16 -5.71 -5.17
N TYR B 81 9.61 -6.86 -5.72
CA TYR B 81 9.94 -8.01 -4.89
C TYR B 81 11.19 -7.72 -4.06
N ARG B 82 12.16 -7.02 -4.69
CA ARG B 82 13.40 -6.58 -4.09
C ARG B 82 13.09 -5.67 -2.89
N LYS B 83 12.21 -4.68 -3.08
CA LYS B 83 11.84 -3.73 -2.04
C LYS B 83 11.08 -4.39 -0.91
N GLN B 84 10.32 -5.43 -1.22
CA GLN B 84 9.59 -6.22 -0.23
C GLN B 84 10.53 -7.02 0.66
N GLY B 85 11.62 -7.50 0.10
CA GLY B 85 12.52 -8.40 0.78
C GLY B 85 12.48 -9.83 0.24
N ASP B 86 11.60 -10.11 -0.73
CA ASP B 86 11.51 -11.44 -1.33
C ASP B 86 12.60 -11.56 -2.39
N TYR B 87 13.82 -11.82 -1.94
CA TYR B 87 14.96 -11.85 -2.84
C TYR B 87 14.90 -12.99 -3.82
N GLN B 88 14.37 -14.14 -3.42
CA GLN B 88 14.27 -15.30 -4.31
C GLN B 88 13.39 -14.96 -5.51
N LYS B 89 12.25 -14.29 -5.27
CA LYS B 89 11.35 -13.90 -6.34
C LYS B 89 11.93 -12.80 -7.18
N ALA B 90 12.64 -11.86 -6.55
CA ALA B 90 13.26 -10.73 -7.22
C ALA B 90 14.29 -11.22 -8.22
N ILE B 91 15.10 -12.22 -7.82
CA ILE B 91 16.14 -12.79 -8.67
C ILE B 91 15.51 -13.50 -9.86
N GLU B 92 14.48 -14.30 -9.59
CA GLU B 92 13.70 -15.03 -10.59
C GLU B 92 13.19 -14.11 -11.70
N TYR B 93 12.60 -12.96 -11.34
CA TYR B 93 12.06 -12.04 -12.35
C TYR B 93 13.17 -11.28 -13.08
N TYR B 94 14.24 -10.85 -12.35
CA TYR B 94 15.38 -10.20 -12.98
C TYR B 94 16.06 -11.10 -14.00
N GLN B 95 16.11 -12.41 -13.70
CA GLN B 95 16.68 -13.39 -14.59
C GLN B 95 15.80 -13.57 -15.83
N LYS B 96 14.48 -13.50 -15.68
CA LYS B 96 13.58 -13.57 -16.84
C LYS B 96 13.79 -12.31 -17.70
N ALA B 97 13.98 -11.12 -17.08
CA ALA B 97 14.27 -9.87 -17.82
C ALA B 97 15.60 -9.93 -18.56
N LEU B 98 16.56 -10.72 -18.04
CA LEU B 98 17.88 -10.91 -18.68
C LEU B 98 17.86 -12.00 -19.74
N GLU B 99 16.96 -12.97 -19.59
CA GLU B 99 16.75 -14.03 -20.57
C GLU B 99 16.19 -13.37 -21.84
N LEU B 100 15.24 -12.44 -21.68
CA LEU B 100 14.61 -11.67 -22.74
C LEU B 100 15.62 -10.67 -23.32
N ASP B 101 16.32 -9.92 -22.46
CA ASP B 101 17.30 -8.94 -22.91
C ASP B 101 18.57 -9.00 -22.06
N PRO B 102 19.61 -9.75 -22.52
CA PRO B 102 20.86 -9.84 -21.74
C PRO B 102 21.64 -8.53 -21.59
N ASN B 103 21.26 -7.48 -22.35
CA ASN B 103 21.93 -6.19 -22.23
C ASN B 103 21.14 -5.17 -21.44
N ASN B 104 20.27 -5.63 -20.54
CA ASN B 104 19.46 -4.77 -19.69
C ASN B 104 20.32 -4.31 -18.49
N ALA B 105 20.94 -3.11 -18.58
CA ALA B 105 21.83 -2.59 -17.52
C ALA B 105 21.13 -2.29 -16.20
N GLU B 106 19.80 -2.05 -16.28
CA GLU B 106 18.99 -1.78 -15.10
C GLU B 106 18.88 -3.07 -14.29
N ALA B 107 18.53 -4.20 -14.95
CA ALA B 107 18.40 -5.50 -14.30
C ALA B 107 19.73 -6.04 -13.80
N LEU B 108 20.81 -5.85 -14.55
CA LEU B 108 22.14 -6.31 -14.16
C LEU B 108 22.59 -5.69 -12.84
N ASN B 109 22.46 -4.36 -12.70
CA ASN B 109 22.81 -3.60 -11.50
C ASN B 109 21.94 -4.02 -10.32
N ASN B 110 20.66 -4.22 -10.57
CA ASN B 110 19.71 -4.63 -9.54
C ASN B 110 19.95 -6.08 -9.10
N LEU B 111 20.45 -6.92 -10.00
CA LEU B 111 20.79 -8.32 -9.72
C LEU B 111 22.00 -8.39 -8.81
N GLY B 112 22.99 -7.53 -9.04
CA GLY B 112 24.15 -7.44 -8.18
C GLY B 112 23.76 -6.91 -6.81
N ASN B 113 22.82 -5.97 -6.78
CA ASN B 113 22.30 -5.40 -5.54
C ASN B 113 21.66 -6.43 -4.66
N VAL B 114 20.82 -7.30 -5.23
CA VAL B 114 20.19 -8.34 -4.45
C VAL B 114 21.21 -9.34 -3.91
N TYR B 115 22.16 -9.79 -4.74
CA TYR B 115 23.21 -10.72 -4.29
C TYR B 115 24.07 -10.11 -3.20
N ARG B 116 24.34 -8.79 -3.25
CA ARG B 116 25.13 -8.11 -2.22
C ARG B 116 24.36 -8.19 -0.89
N LYS B 117 23.07 -7.83 -0.94
CA LYS B 117 22.16 -7.89 0.20
C LYS B 117 22.12 -9.32 0.78
N GLN B 118 22.07 -10.34 -0.10
CA GLN B 118 22.07 -11.77 0.28
C GLN B 118 23.38 -12.19 0.95
N GLY B 119 24.50 -11.64 0.47
CA GLY B 119 25.82 -12.01 0.94
C GLY B 119 26.63 -12.76 -0.10
N ASP B 120 26.05 -13.05 -1.27
CA ASP B 120 26.77 -13.71 -2.34
C ASP B 120 27.56 -12.63 -3.10
N TYR B 121 28.67 -12.18 -2.52
CA TYR B 121 29.50 -11.13 -3.09
C TYR B 121 30.19 -11.58 -4.39
N GLN B 122 30.48 -12.88 -4.54
CA GLN B 122 31.12 -13.37 -5.75
C GLN B 122 30.14 -13.19 -6.94
N LYS B 123 28.83 -13.45 -6.72
CA LYS B 123 27.80 -13.28 -7.75
C LYS B 123 27.52 -11.80 -7.97
N ALA B 124 27.55 -10.98 -6.89
CA ALA B 124 27.38 -9.54 -6.97
C ALA B 124 28.44 -8.88 -7.86
N ILE B 125 29.73 -9.22 -7.67
CA ILE B 125 30.79 -8.66 -8.51
C ILE B 125 30.62 -9.05 -9.98
N GLU B 126 30.22 -10.29 -10.22
CA GLU B 126 29.99 -10.79 -11.57
C GLU B 126 28.86 -9.98 -12.25
N TYR B 127 27.74 -9.71 -11.56
CA TYR B 127 26.64 -8.97 -12.14
C TYR B 127 26.93 -7.50 -12.26
N TYR B 128 27.72 -6.93 -11.36
CA TYR B 128 28.09 -5.51 -11.46
C TYR B 128 29.05 -5.27 -12.60
N GLN B 129 29.97 -6.22 -12.86
CA GLN B 129 30.95 -6.13 -13.94
C GLN B 129 30.21 -6.13 -15.27
N LYS B 130 29.25 -7.05 -15.42
CA LYS B 130 28.42 -7.15 -16.62
C LYS B 130 27.72 -5.84 -16.95
N ALA B 131 27.28 -5.12 -15.90
CA ALA B 131 26.63 -3.84 -16.04
C ALA B 131 27.58 -2.77 -16.57
N LEU B 132 28.82 -2.65 -15.99
CA LEU B 132 29.73 -1.63 -16.50
C LEU B 132 30.26 -1.99 -17.90
N GLU B 133 30.29 -3.29 -18.26
CA GLU B 133 30.75 -3.72 -19.59
C GLU B 133 29.86 -3.18 -20.75
N LEU B 134 28.77 -2.46 -20.42
CA LEU B 134 27.85 -1.86 -21.38
C LEU B 134 28.13 -0.36 -21.55
P PO4 C . -9.75 5.88 5.02
O1 PO4 C . -8.52 6.85 5.30
O2 PO4 C . -9.28 4.36 4.80
O3 PO4 C . -10.51 6.33 3.68
O4 PO4 C . -10.71 5.96 6.24
P PO4 D . 15.47 2.00 -5.59
O1 PO4 D . 16.88 1.72 -6.30
O2 PO4 D . 14.64 0.65 -5.45
O3 PO4 D . 14.65 3.05 -6.47
O4 PO4 D . 15.77 2.57 -4.18
P PO4 E . 4.90 9.53 -18.07
O1 PO4 E . 6.46 9.77 -17.82
O2 PO4 E . 4.70 8.31 -19.08
O3 PO4 E . 4.34 10.91 -18.65
O4 PO4 E . 4.22 9.16 -16.71
P PO4 F . 10.56 4.93 -6.30
O1 PO4 F . 12.02 4.88 -6.95
O2 PO4 F . 9.68 3.79 -6.99
O3 PO4 F . 9.91 6.37 -6.55
O4 PO4 F . 10.64 4.64 -4.77
#